data_1M6J
#
_entry.id   1M6J
#
_cell.length_a   85.729
_cell.length_b   119.947
_cell.length_c   50.392
_cell.angle_alpha   90.00
_cell.angle_beta   90.00
_cell.angle_gamma   90.00
#
_symmetry.space_group_name_H-M   'P 21 21 2'
#
loop_
_entity.id
_entity.type
_entity.pdbx_description
1 polymer 'Triosephosphate Isomerase'
2 water water
#
_entity_poly.entity_id   1
_entity_poly.type   'polypeptide(L)'
_entity_poly.pdbx_seq_one_letter_code
;MGAGKFVVGGNWKCNGTLASIETLTKGVAASVDAELAKKVEVIVGVPFIYIPKVQQILAGEANGANILVSAENAWTKSGA
YTGEVHVGMLVDCQVPYVILGHSERRQIFHESNEQVAEKVKVAIDAGLKVIACIGETEAQRIANQTEEVVAAQLKAINNA
ISKEAWKNIILAYEPVWAIGTGKTATPDQAQEVHQYIRKWMTENISKEVAEATRIQYGGSVNPANCNELAKKADIDGFLV
GGASLDAAKFKTIINSVSEKL
;
_entity_poly.pdbx_strand_id   A,B
#
# COMPACT_ATOMS: atom_id res chain seq x y z
N GLY A 2 3.67 -11.36 30.98
CA GLY A 2 3.04 -12.45 30.18
C GLY A 2 3.88 -13.72 30.15
N ALA A 3 3.22 -14.85 29.95
CA ALA A 3 3.90 -16.14 29.90
C ALA A 3 4.35 -16.44 28.47
N GLY A 4 4.06 -15.54 27.55
CA GLY A 4 4.44 -15.72 26.17
C GLY A 4 5.90 -15.39 25.94
N LYS A 5 6.45 -15.89 24.83
CA LYS A 5 7.85 -15.64 24.48
C LYS A 5 8.08 -14.19 24.10
N PHE A 6 9.13 -13.59 24.65
CA PHE A 6 9.45 -12.18 24.36
C PHE A 6 9.53 -11.99 22.86
N VAL A 7 8.84 -10.97 22.35
CA VAL A 7 8.82 -10.73 20.92
C VAL A 7 9.08 -9.27 20.59
N VAL A 8 10.08 -9.04 19.75
CA VAL A 8 10.45 -7.69 19.35
C VAL A 8 10.28 -7.50 17.86
N GLY A 9 9.40 -6.56 17.51
CA GLY A 9 9.15 -6.26 16.12
C GLY A 9 9.76 -4.92 15.77
N GLY A 10 10.35 -4.85 14.58
CA GLY A 10 10.95 -3.61 14.13
C GLY A 10 10.12 -3.08 12.98
N ASN A 11 9.31 -2.06 13.24
CA ASN A 11 8.46 -1.47 12.22
C ASN A 11 9.23 -0.39 11.46
N TRP A 12 9.71 -0.75 10.27
CA TRP A 12 10.49 0.16 9.44
C TRP A 12 9.66 1.28 8.85
N LYS A 13 8.33 1.18 9.00
CA LYS A 13 7.42 2.18 8.47
C LYS A 13 7.73 2.55 7.02
N CYS A 14 7.64 3.82 6.67
CA CYS A 14 7.90 4.24 5.29
C CYS A 14 9.33 4.76 5.15
N ASN A 15 10.29 3.86 5.31
CA ASN A 15 11.69 4.22 5.23
C ASN A 15 12.48 3.13 4.53
N GLY A 16 13.57 3.53 3.86
CA GLY A 16 14.43 2.57 3.22
C GLY A 16 14.67 2.65 1.73
N THR A 17 15.83 2.14 1.33
CA THR A 17 16.24 2.00 -0.03
C THR A 17 16.82 0.64 -0.14
N LEU A 18 17.01 0.12 -1.34
CA LEU A 18 17.57 -1.21 -1.49
C LEU A 18 18.92 -1.29 -0.77
N ALA A 19 19.71 -0.24 -0.88
CA ALA A 19 21.02 -0.21 -0.25
C ALA A 19 20.94 -0.19 1.27
N SER A 20 20.09 0.67 1.82
CA SER A 20 19.98 0.76 3.28
C SER A 20 19.35 -0.49 3.87
N ILE A 21 18.42 -1.09 3.14
CA ILE A 21 17.75 -2.30 3.60
C ILE A 21 18.67 -3.51 3.57
N GLU A 22 19.56 -3.59 2.59
CA GLU A 22 20.48 -4.72 2.54
C GLU A 22 21.41 -4.64 3.75
N THR A 23 21.90 -3.45 4.05
CA THR A 23 22.80 -3.27 5.19
C THR A 23 22.06 -3.55 6.49
N LEU A 24 20.84 -3.03 6.61
CA LEU A 24 20.04 -3.23 7.82
C LEU A 24 19.66 -4.69 8.03
N THR A 25 19.14 -5.34 7.00
CA THR A 25 18.73 -6.73 7.11
C THR A 25 19.89 -7.63 7.51
N LYS A 26 21.05 -7.43 6.89
CA LYS A 26 22.21 -8.24 7.23
C LYS A 26 22.62 -7.98 8.69
N GLY A 27 22.53 -6.73 9.13
CA GLY A 27 22.90 -6.40 10.49
C GLY A 27 21.93 -7.01 11.50
N VAL A 28 20.64 -6.99 11.17
CA VAL A 28 19.64 -7.55 12.07
C VAL A 28 19.83 -9.06 12.20
N ALA A 29 20.00 -9.74 11.07
CA ALA A 29 20.21 -11.18 11.08
C ALA A 29 21.47 -11.52 11.87
N ALA A 30 22.55 -10.77 11.64
CA ALA A 30 23.82 -11.01 12.33
C ALA A 30 23.68 -10.86 13.83
N SER A 31 22.73 -10.04 14.27
CA SER A 31 22.54 -9.80 15.71
C SER A 31 21.73 -10.86 16.44
N VAL A 32 21.12 -11.78 15.72
CA VAL A 32 20.31 -12.81 16.37
C VAL A 32 20.75 -14.23 16.04
N ASP A 33 21.58 -14.80 16.91
CA ASP A 33 22.04 -16.18 16.71
C ASP A 33 21.05 -17.16 17.33
N ALA A 34 21.35 -18.45 17.23
CA ALA A 34 20.47 -19.49 17.75
C ALA A 34 20.10 -19.32 19.22
N GLU A 35 21.08 -19.05 20.07
CA GLU A 35 20.83 -18.88 21.49
C GLU A 35 19.91 -17.71 21.83
N LEU A 36 20.07 -16.60 21.12
CA LEU A 36 19.22 -15.45 21.38
C LEU A 36 17.83 -15.69 20.81
N ALA A 37 17.77 -16.38 19.68
CA ALA A 37 16.49 -16.68 19.03
C ALA A 37 15.61 -17.52 19.94
N LYS A 38 16.21 -18.27 20.85
CA LYS A 38 15.45 -19.11 21.76
C LYS A 38 14.74 -18.26 22.82
N LYS A 39 15.28 -17.07 23.05
CA LYS A 39 14.73 -16.15 24.04
C LYS A 39 13.82 -15.09 23.43
N VAL A 40 14.09 -14.71 22.19
CA VAL A 40 13.29 -13.66 21.56
C VAL A 40 12.88 -13.92 20.12
N GLU A 41 11.60 -13.70 19.85
CA GLU A 41 11.14 -13.80 18.51
C GLU A 41 11.31 -12.45 17.90
N VAL A 42 11.99 -12.40 16.76
CA VAL A 42 12.30 -11.13 16.12
C VAL A 42 11.59 -11.00 14.77
N ILE A 43 10.88 -9.90 14.61
CA ILE A 43 10.10 -9.63 13.40
C ILE A 43 10.43 -8.25 12.83
N VAL A 44 10.50 -8.15 11.51
CA VAL A 44 10.76 -6.86 10.88
C VAL A 44 9.61 -6.51 9.93
N GLY A 45 9.06 -5.31 10.13
CA GLY A 45 7.97 -4.81 9.29
C GLY A 45 8.59 -4.09 8.12
N VAL A 46 8.32 -4.60 6.92
CA VAL A 46 8.92 -4.07 5.70
C VAL A 46 7.94 -3.49 4.67
N PRO A 47 8.33 -2.39 4.00
CA PRO A 47 7.42 -1.81 3.00
C PRO A 47 7.15 -2.89 1.95
N PHE A 48 5.91 -2.94 1.45
CA PHE A 48 5.53 -3.97 0.48
C PHE A 48 6.53 -4.27 -0.62
N ILE A 49 6.96 -3.24 -1.32
CA ILE A 49 7.87 -3.41 -2.45
C ILE A 49 9.24 -3.99 -2.11
N TYR A 50 9.65 -3.91 -0.85
CA TYR A 50 10.94 -4.44 -0.44
C TYR A 50 10.87 -5.81 0.22
N ILE A 51 9.67 -6.35 0.36
CA ILE A 51 9.53 -7.65 1.00
C ILE A 51 10.31 -8.74 0.25
N PRO A 52 10.20 -8.80 -1.08
CA PRO A 52 10.96 -9.84 -1.78
C PRO A 52 12.46 -9.72 -1.53
N LYS A 53 12.98 -8.50 -1.56
CA LYS A 53 14.40 -8.26 -1.35
C LYS A 53 14.84 -8.72 0.04
N VAL A 54 14.07 -8.35 1.06
CA VAL A 54 14.40 -8.75 2.41
C VAL A 54 14.40 -10.27 2.53
N GLN A 55 13.42 -10.90 1.89
CA GLN A 55 13.31 -12.35 1.93
C GLN A 55 14.56 -12.98 1.31
N GLN A 56 14.98 -12.43 0.19
CA GLN A 56 16.16 -12.92 -0.52
C GLN A 56 17.41 -12.78 0.34
N ILE A 57 17.56 -11.62 0.97
CA ILE A 57 18.71 -11.35 1.82
C ILE A 57 18.76 -12.32 2.99
N LEU A 58 17.64 -12.46 3.70
CA LEU A 58 17.59 -13.37 4.85
C LEU A 58 17.89 -14.80 4.46
N ALA A 59 17.43 -15.24 3.29
CA ALA A 59 17.68 -16.60 2.84
C ALA A 59 19.18 -16.86 2.67
N GLY A 60 19.94 -15.78 2.45
CA GLY A 60 21.37 -15.93 2.25
C GLY A 60 22.24 -15.69 3.47
N GLU A 61 21.63 -15.33 4.59
CA GLU A 61 22.39 -15.08 5.82
C GLU A 61 22.31 -16.27 6.76
N ALA A 62 23.39 -16.51 7.49
CA ALA A 62 23.47 -17.62 8.43
C ALA A 62 22.33 -17.64 9.46
N ASN A 63 22.03 -16.46 10.02
CA ASN A 63 20.98 -16.33 11.03
C ASN A 63 19.63 -15.92 10.43
N GLY A 64 19.55 -15.89 9.10
CA GLY A 64 18.33 -15.49 8.43
C GLY A 64 17.01 -16.07 8.90
N ALA A 65 17.00 -17.36 9.24
CA ALA A 65 15.78 -18.01 9.70
C ALA A 65 15.30 -17.50 11.05
N ASN A 66 16.15 -16.77 11.77
CA ASN A 66 15.80 -16.22 13.07
C ASN A 66 15.04 -14.91 12.99
N ILE A 67 14.93 -14.36 11.77
CA ILE A 67 14.22 -13.10 11.56
C ILE A 67 13.00 -13.34 10.69
N LEU A 68 11.83 -12.96 11.19
CA LEU A 68 10.59 -13.14 10.46
C LEU A 68 10.17 -11.84 9.77
N VAL A 69 9.59 -11.97 8.58
CA VAL A 69 9.14 -10.80 7.84
C VAL A 69 7.66 -10.53 8.05
N SER A 70 7.33 -9.26 8.25
CA SER A 70 5.95 -8.85 8.44
C SER A 70 5.64 -7.71 7.49
N ALA A 71 4.39 -7.66 7.02
CA ALA A 71 3.98 -6.55 6.22
C ALA A 71 3.51 -5.51 7.17
N GLU A 72 3.42 -4.25 6.74
CA GLU A 72 3.03 -3.16 7.62
C GLU A 72 1.53 -2.86 7.57
N ASN A 73 0.82 -3.54 6.68
CA ASN A 73 -0.61 -3.35 6.50
C ASN A 73 -1.06 -4.35 5.46
N ALA A 74 -2.37 -4.45 5.28
CA ALA A 74 -2.94 -5.34 4.28
C ALA A 74 -4.40 -4.98 4.12
N TRP A 75 -4.91 -5.17 2.90
CA TRP A 75 -6.30 -4.89 2.62
C TRP A 75 -7.07 -6.20 2.89
N THR A 76 -8.38 -6.09 3.04
CA THR A 76 -9.22 -7.26 3.33
C THR A 76 -9.24 -8.35 2.27
N LYS A 77 -9.49 -7.99 1.02
CA LYS A 77 -9.53 -9.00 -0.04
C LYS A 77 -9.20 -8.47 -1.42
N SER A 78 -9.18 -9.38 -2.39
CA SER A 78 -8.88 -9.04 -3.77
C SER A 78 -10.04 -8.29 -4.39
N GLY A 79 -9.77 -7.63 -5.51
CA GLY A 79 -10.81 -6.90 -6.19
C GLY A 79 -10.40 -5.52 -6.65
N ALA A 80 -11.41 -4.69 -6.89
CA ALA A 80 -11.22 -3.33 -7.38
C ALA A 80 -10.79 -2.37 -6.29
N TYR A 81 -9.56 -2.54 -5.83
CA TYR A 81 -8.99 -1.69 -4.78
C TYR A 81 -7.59 -1.28 -5.20
N THR A 82 -7.54 -0.43 -6.23
CA THR A 82 -6.28 0.04 -6.78
C THR A 82 -5.34 0.59 -5.71
N GLY A 83 -4.11 0.07 -5.71
CA GLY A 83 -3.11 0.51 -4.76
C GLY A 83 -2.94 -0.38 -3.54
N GLU A 84 -3.92 -1.24 -3.28
CA GLU A 84 -3.88 -2.12 -2.11
C GLU A 84 -3.25 -3.48 -2.32
N VAL A 85 -2.74 -4.05 -1.23
CA VAL A 85 -2.21 -5.38 -1.23
C VAL A 85 -3.00 -6.16 -0.21
N HIS A 86 -3.71 -7.18 -0.65
CA HIS A 86 -4.56 -7.93 0.28
C HIS A 86 -3.87 -9.07 1.00
N VAL A 87 -4.45 -9.50 2.11
CA VAL A 87 -3.87 -10.57 2.93
C VAL A 87 -3.44 -11.81 2.15
N GLY A 88 -4.22 -12.18 1.14
CA GLY A 88 -3.91 -13.36 0.35
C GLY A 88 -2.58 -13.25 -0.39
N MET A 89 -2.21 -12.04 -0.79
CA MET A 89 -0.96 -11.84 -1.50
C MET A 89 0.21 -12.05 -0.55
N LEU A 90 0.02 -11.68 0.72
CA LEU A 90 1.07 -11.85 1.71
C LEU A 90 1.31 -13.34 1.92
N VAL A 91 0.24 -14.12 2.06
CA VAL A 91 0.36 -15.56 2.26
C VAL A 91 0.99 -16.19 1.03
N ASP A 92 0.57 -15.74 -0.15
CA ASP A 92 1.10 -16.26 -1.41
C ASP A 92 2.62 -16.02 -1.48
N CYS A 93 3.07 -14.90 -0.94
CA CYS A 93 4.49 -14.57 -0.94
C CYS A 93 5.22 -15.11 0.29
N GLN A 94 4.53 -15.95 1.05
CA GLN A 94 5.10 -16.58 2.23
C GLN A 94 5.55 -15.62 3.33
N VAL A 95 4.80 -14.54 3.50
CA VAL A 95 5.03 -13.60 4.55
C VAL A 95 4.22 -14.08 5.72
N PRO A 96 4.87 -14.40 6.85
CA PRO A 96 4.14 -14.92 8.01
C PRO A 96 3.35 -13.94 8.86
N TYR A 97 3.79 -12.69 8.89
CA TYR A 97 3.15 -11.67 9.70
C TYR A 97 2.64 -10.43 9.00
N VAL A 98 1.74 -9.73 9.68
CA VAL A 98 1.21 -8.47 9.20
C VAL A 98 0.88 -7.61 10.42
N ILE A 99 1.23 -6.33 10.33
CA ILE A 99 0.96 -5.36 11.39
C ILE A 99 -0.35 -4.71 10.95
N LEU A 100 -1.33 -4.66 11.85
CA LEU A 100 -2.62 -4.07 11.53
C LEU A 100 -3.11 -3.09 12.58
N GLY A 101 -3.79 -2.03 12.12
CA GLY A 101 -4.32 -1.05 13.04
C GLY A 101 -3.30 -0.11 13.67
N HIS A 102 -2.14 0.02 13.07
CA HIS A 102 -1.14 0.92 13.63
C HIS A 102 -1.79 2.30 13.74
N SER A 103 -1.43 3.05 14.79
CA SER A 103 -2.00 4.37 15.03
C SER A 103 -1.88 5.29 13.81
N GLU A 104 -0.77 5.20 13.10
CA GLU A 104 -0.58 6.04 11.92
C GLU A 104 -1.66 5.78 10.88
N ARG A 105 -2.09 4.53 10.77
CA ARG A 105 -3.14 4.20 9.80
C ARG A 105 -4.53 4.53 10.35
N ARG A 106 -4.72 4.35 11.64
CA ARG A 106 -6.02 4.66 12.24
C ARG A 106 -6.29 6.17 12.15
N GLN A 107 -5.24 6.96 12.34
CA GLN A 107 -5.36 8.41 12.32
C GLN A 107 -5.26 9.04 10.92
N ILE A 108 -4.20 8.73 10.18
CA ILE A 108 -4.01 9.28 8.84
C ILE A 108 -4.96 8.71 7.79
N PHE A 109 -5.16 7.40 7.81
CA PHE A 109 -6.03 6.78 6.82
C PHE A 109 -7.39 6.40 7.37
N HIS A 110 -7.71 6.97 8.53
CA HIS A 110 -8.98 6.77 9.20
C HIS A 110 -9.51 5.35 9.25
N GLU A 111 -8.67 4.41 9.69
CA GLU A 111 -9.10 3.03 9.82
C GLU A 111 -9.81 2.94 11.17
N SER A 112 -11.09 2.61 11.14
CA SER A 112 -11.89 2.50 12.36
C SER A 112 -11.59 1.22 13.13
N ASN A 113 -12.13 1.13 14.34
CA ASN A 113 -11.93 -0.08 15.15
C ASN A 113 -12.48 -1.27 14.39
N GLU A 114 -13.63 -1.09 13.75
CA GLU A 114 -14.29 -2.14 13.00
C GLU A 114 -13.53 -2.54 11.74
N GLN A 115 -12.96 -1.54 11.06
CA GLN A 115 -12.20 -1.80 9.84
C GLN A 115 -10.93 -2.58 10.18
N VAL A 116 -10.30 -2.21 11.29
CA VAL A 116 -9.10 -2.89 11.73
C VAL A 116 -9.47 -4.33 12.10
N ALA A 117 -10.59 -4.49 12.80
CA ALA A 117 -11.06 -5.81 13.21
C ALA A 117 -11.31 -6.70 11.99
N GLU A 118 -11.87 -6.11 10.93
CA GLU A 118 -12.15 -6.84 9.71
C GLU A 118 -10.84 -7.37 9.13
N LYS A 119 -9.83 -6.51 9.10
CA LYS A 119 -8.53 -6.89 8.58
C LYS A 119 -7.91 -8.01 9.40
N VAL A 120 -8.02 -7.91 10.72
CA VAL A 120 -7.46 -8.95 11.59
C VAL A 120 -8.13 -10.29 11.28
N LYS A 121 -9.45 -10.27 11.16
CA LYS A 121 -10.22 -11.47 10.87
C LYS A 121 -9.79 -12.16 9.58
N VAL A 122 -9.76 -11.41 8.48
CA VAL A 122 -9.39 -12.01 7.20
C VAL A 122 -7.92 -12.40 7.16
N ALA A 123 -7.08 -11.69 7.90
CA ALA A 123 -5.66 -12.02 7.94
C ALA A 123 -5.48 -13.40 8.59
N ILE A 124 -6.15 -13.61 9.72
CA ILE A 124 -6.05 -14.88 10.43
C ILE A 124 -6.71 -15.99 9.61
N ASP A 125 -7.80 -15.67 8.92
CA ASP A 125 -8.49 -16.66 8.10
C ASP A 125 -7.53 -17.18 7.05
N ALA A 126 -6.70 -16.27 6.51
CA ALA A 126 -5.73 -16.62 5.48
C ALA A 126 -4.52 -17.36 6.03
N GLY A 127 -4.34 -17.34 7.35
CA GLY A 127 -3.23 -18.04 7.95
C GLY A 127 -2.10 -17.15 8.45
N LEU A 128 -2.29 -15.84 8.36
CA LEU A 128 -1.27 -14.90 8.82
C LEU A 128 -1.28 -14.74 10.34
N LYS A 129 -0.11 -14.38 10.87
CA LYS A 129 -0.05 -14.07 12.25
C LYS A 129 -0.13 -12.59 12.30
N VAL A 130 -0.71 -12.03 13.35
CA VAL A 130 -0.95 -10.59 13.38
C VAL A 130 -0.45 -9.82 14.60
N ILE A 131 0.06 -8.63 14.35
CA ILE A 131 0.40 -7.74 15.40
C ILE A 131 -0.63 -6.68 15.30
N ALA A 132 -1.60 -6.74 16.22
CA ALA A 132 -2.73 -5.81 16.21
C ALA A 132 -2.43 -4.66 17.17
N CYS A 133 -2.44 -3.45 16.63
CA CYS A 133 -2.14 -2.26 17.41
C CYS A 133 -3.38 -1.58 17.98
N ILE A 134 -3.26 -1.14 19.23
CA ILE A 134 -4.32 -0.46 19.95
C ILE A 134 -3.68 0.66 20.77
N GLY A 135 -4.49 1.60 21.26
CA GLY A 135 -3.96 2.68 22.05
C GLY A 135 -4.81 3.93 22.00
N GLU A 136 -4.73 4.77 23.05
CA GLU A 136 -5.53 5.98 23.13
C GLU A 136 -4.76 7.27 22.86
N THR A 137 -5.49 8.30 22.41
CA THR A 137 -4.91 9.62 22.10
C THR A 137 -4.80 10.46 23.37
N GLU A 138 -4.13 11.60 23.27
CA GLU A 138 -3.97 12.48 24.42
C GLU A 138 -5.33 12.97 24.91
N ALA A 139 -6.21 13.30 23.96
CA ALA A 139 -7.54 13.78 24.31
C ALA A 139 -8.29 12.72 25.10
N GLN A 140 -8.18 11.47 24.68
CA GLN A 140 -8.87 10.38 25.36
C GLN A 140 -8.27 10.09 26.73
N ARG A 141 -6.95 10.22 26.87
CA ARG A 141 -6.31 9.95 28.15
C ARG A 141 -6.62 11.00 29.21
N ILE A 142 -6.56 12.28 28.84
CA ILE A 142 -6.85 13.33 29.80
C ILE A 142 -8.32 13.27 30.22
N ALA A 143 -9.16 12.74 29.34
CA ALA A 143 -10.58 12.60 29.63
C ALA A 143 -10.81 11.33 30.43
N ASN A 144 -9.70 10.70 30.84
CA ASN A 144 -9.75 9.47 31.63
C ASN A 144 -10.55 8.38 30.92
N GLN A 145 -10.33 8.24 29.62
CA GLN A 145 -11.05 7.24 28.83
C GLN A 145 -10.15 6.14 28.30
N THR A 146 -8.96 6.00 28.87
CA THR A 146 -8.02 4.98 28.41
C THR A 146 -8.62 3.57 28.38
N GLU A 147 -9.20 3.13 29.49
CA GLU A 147 -9.77 1.78 29.53
C GLU A 147 -10.90 1.57 28.54
N GLU A 148 -11.85 2.51 28.51
CA GLU A 148 -12.98 2.40 27.59
C GLU A 148 -12.53 2.38 26.14
N VAL A 149 -11.57 3.24 25.81
CA VAL A 149 -11.08 3.31 24.44
C VAL A 149 -10.38 2.02 24.03
N VAL A 150 -9.46 1.55 24.87
CA VAL A 150 -8.74 0.32 24.57
C VAL A 150 -9.71 -0.87 24.54
N ALA A 151 -10.67 -0.86 25.45
CA ALA A 151 -11.67 -1.94 25.52
C ALA A 151 -12.46 -2.00 24.22
N ALA A 152 -12.84 -0.83 23.69
CA ALA A 152 -13.61 -0.78 22.45
C ALA A 152 -12.80 -1.28 21.27
N GLN A 153 -11.50 -0.98 21.25
CA GLN A 153 -10.66 -1.43 20.15
C GLN A 153 -10.52 -2.94 20.22
N LEU A 154 -10.37 -3.46 21.43
CA LEU A 154 -10.23 -4.90 21.63
C LEU A 154 -11.55 -5.62 21.35
N LYS A 155 -12.66 -5.04 21.78
CA LYS A 155 -13.95 -5.67 21.57
C LYS A 155 -14.26 -5.82 20.08
N ALA A 156 -13.94 -4.79 19.30
CA ALA A 156 -14.17 -4.84 17.86
C ALA A 156 -13.47 -6.06 17.27
N ILE A 157 -12.23 -6.27 17.69
CA ILE A 157 -11.44 -7.40 17.20
C ILE A 157 -12.03 -8.72 17.67
N ASN A 158 -12.34 -8.82 18.96
CA ASN A 158 -12.90 -10.05 19.49
C ASN A 158 -14.24 -10.40 18.85
N ASN A 159 -15.07 -9.39 18.58
CA ASN A 159 -16.37 -9.61 17.97
C ASN A 159 -16.26 -10.26 16.60
N ALA A 160 -15.16 -10.01 15.91
CA ALA A 160 -14.95 -10.53 14.57
C ALA A 160 -14.27 -11.88 14.45
N ILE A 161 -13.58 -12.32 15.51
CA ILE A 161 -12.87 -13.58 15.43
C ILE A 161 -13.23 -14.61 16.50
N SER A 162 -12.80 -15.85 16.28
CA SER A 162 -13.05 -16.94 17.21
C SER A 162 -12.01 -16.94 18.31
N LYS A 163 -12.26 -17.70 19.36
CA LYS A 163 -11.33 -17.79 20.48
C LYS A 163 -9.99 -18.33 20.01
N GLU A 164 -10.04 -19.36 19.16
CA GLU A 164 -8.83 -19.99 18.64
C GLU A 164 -8.00 -19.06 17.76
N ALA A 165 -8.66 -18.10 17.11
CA ALA A 165 -7.99 -17.16 16.23
C ALA A 165 -7.00 -16.29 17.00
N TRP A 166 -7.25 -16.11 18.29
CA TRP A 166 -6.36 -15.28 19.12
C TRP A 166 -4.94 -15.85 19.24
N LYS A 167 -4.73 -17.18 19.01
CA LYS A 167 -3.40 -17.79 19.04
C LYS A 167 -2.42 -17.07 18.09
N ASN A 168 -2.98 -16.55 16.97
CA ASN A 168 -2.14 -15.90 15.98
C ASN A 168 -1.89 -14.42 16.31
N ILE A 169 -2.45 -13.92 17.40
CA ILE A 169 -2.37 -12.46 17.67
C ILE A 169 -1.36 -12.04 18.78
N ILE A 170 -0.65 -10.98 18.43
CA ILE A 170 0.23 -10.27 19.30
C ILE A 170 -0.36 -8.91 19.40
N LEU A 171 -0.59 -8.39 20.60
CA LEU A 171 -1.16 -7.05 20.72
C LEU A 171 -0.03 -6.07 20.94
N ALA A 172 -0.15 -4.87 20.38
CA ALA A 172 0.86 -3.85 20.57
C ALA A 172 0.16 -2.61 21.07
N TYR A 173 0.51 -2.19 22.28
CA TYR A 173 -0.10 -0.99 22.85
C TYR A 173 0.70 0.25 22.50
N GLU A 174 0.05 1.18 21.82
CA GLU A 174 0.68 2.43 21.45
C GLU A 174 0.15 3.57 22.27
N PRO A 175 0.98 4.13 23.16
CA PRO A 175 0.50 5.26 23.95
C PRO A 175 0.60 6.48 23.04
N VAL A 176 -0.36 6.60 22.13
CA VAL A 176 -0.37 7.70 21.16
C VAL A 176 -0.21 9.05 21.85
N TRP A 177 -0.78 9.17 23.03
CA TRP A 177 -0.69 10.39 23.82
C TRP A 177 0.74 10.75 24.20
N ALA A 178 1.66 9.79 24.10
CA ALA A 178 3.06 10.00 24.46
C ALA A 178 4.08 9.71 23.36
N ILE A 179 3.62 9.57 22.12
CA ILE A 179 4.56 9.31 21.03
C ILE A 179 4.88 10.59 20.28
N GLY A 180 6.03 11.18 20.63
CA GLY A 180 6.48 12.41 19.99
C GLY A 180 5.69 13.65 20.37
N THR A 181 4.87 13.54 21.41
CA THR A 181 4.04 14.66 21.85
C THR A 181 4.69 15.58 22.86
N GLY A 182 5.75 15.10 23.51
CA GLY A 182 6.42 15.91 24.50
C GLY A 182 6.15 15.31 25.87
N LYS A 183 5.22 14.35 25.90
CA LYS A 183 4.87 13.66 27.13
C LYS A 183 5.61 12.33 27.12
N THR A 184 6.17 11.95 28.26
CA THR A 184 6.91 10.69 28.38
C THR A 184 6.10 9.65 29.14
N ALA A 185 5.89 8.49 28.53
CA ALA A 185 5.17 7.41 29.18
C ALA A 185 6.17 6.63 30.03
N THR A 186 5.96 6.63 31.34
CA THR A 186 6.85 5.92 32.25
C THR A 186 6.56 4.42 32.22
N PRO A 187 7.52 3.62 32.68
CA PRO A 187 7.31 2.16 32.70
C PRO A 187 6.06 1.83 33.51
N ASP A 188 5.82 2.56 34.59
CA ASP A 188 4.65 2.32 35.42
C ASP A 188 3.35 2.58 34.64
N GLN A 189 3.32 3.66 33.88
CA GLN A 189 2.14 4.01 33.10
C GLN A 189 1.89 2.96 32.02
N ALA A 190 2.97 2.48 31.41
CA ALA A 190 2.85 1.47 30.37
C ALA A 190 2.33 0.18 30.98
N GLN A 191 2.94 -0.24 32.08
CA GLN A 191 2.54 -1.46 32.76
C GLN A 191 1.07 -1.43 33.16
N GLU A 192 0.61 -0.26 33.59
CA GLU A 192 -0.78 -0.11 34.00
C GLU A 192 -1.74 -0.44 32.86
N VAL A 193 -1.47 0.09 31.68
CA VAL A 193 -2.35 -0.18 30.54
C VAL A 193 -2.20 -1.62 30.09
N HIS A 194 -0.99 -2.15 30.09
CA HIS A 194 -0.76 -3.53 29.71
C HIS A 194 -1.53 -4.44 30.66
N GLN A 195 -1.52 -4.10 31.94
CA GLN A 195 -2.23 -4.88 32.95
C GLN A 195 -3.72 -4.89 32.62
N TYR A 196 -4.24 -3.73 32.25
CA TYR A 196 -5.65 -3.68 31.97
C TYR A 196 -5.99 -4.43 30.69
N ILE A 197 -5.11 -4.42 29.70
CA ILE A 197 -5.33 -5.19 28.49
C ILE A 197 -5.43 -6.66 28.86
N ARG A 198 -4.53 -7.10 29.76
CA ARG A 198 -4.53 -8.48 30.21
C ARG A 198 -5.85 -8.79 30.93
N LYS A 199 -6.28 -7.85 31.76
CA LYS A 199 -7.52 -7.98 32.52
C LYS A 199 -8.71 -8.04 31.57
N TRP A 200 -8.69 -7.21 30.54
CA TRP A 200 -9.78 -7.18 29.57
C TRP A 200 -9.90 -8.55 28.89
N MET A 201 -8.78 -9.09 28.45
CA MET A 201 -8.80 -10.38 27.78
C MET A 201 -9.27 -11.48 28.72
N THR A 202 -8.87 -11.40 29.99
CA THR A 202 -9.26 -12.39 30.97
C THR A 202 -10.78 -12.43 31.18
N GLU A 203 -11.39 -11.26 31.30
CA GLU A 203 -12.83 -11.18 31.52
C GLU A 203 -13.67 -11.35 30.26
N ASN A 204 -13.16 -10.88 29.13
CA ASN A 204 -13.90 -10.98 27.87
C ASN A 204 -13.65 -12.22 27.03
N ILE A 205 -12.56 -12.92 27.31
CA ILE A 205 -12.24 -14.14 26.57
C ILE A 205 -12.02 -15.26 27.59
N SER A 206 -10.82 -15.32 28.17
CA SER A 206 -10.48 -16.32 29.17
C SER A 206 -9.11 -16.02 29.74
N LYS A 207 -8.82 -16.56 30.92
CA LYS A 207 -7.51 -16.33 31.53
C LYS A 207 -6.42 -16.98 30.69
N GLU A 208 -6.73 -18.14 30.10
CA GLU A 208 -5.77 -18.87 29.27
C GLU A 208 -5.33 -18.03 28.07
N VAL A 209 -6.29 -17.47 27.36
CA VAL A 209 -5.99 -16.64 26.19
C VAL A 209 -5.26 -15.37 26.62
N ALA A 210 -5.72 -14.77 27.71
CA ALA A 210 -5.10 -13.55 28.20
C ALA A 210 -3.61 -13.77 28.49
N GLU A 211 -3.30 -14.86 29.17
CA GLU A 211 -1.91 -15.14 29.52
C GLU A 211 -1.05 -15.57 28.33
N ALA A 212 -1.65 -16.24 27.36
CA ALA A 212 -0.90 -16.69 26.19
C ALA A 212 -0.62 -15.57 25.20
N THR A 213 -1.48 -14.57 25.18
CA THR A 213 -1.33 -13.44 24.26
C THR A 213 -0.24 -12.46 24.67
N ARG A 214 0.75 -12.29 23.80
CA ARG A 214 1.84 -11.36 24.07
C ARG A 214 1.37 -9.93 23.85
N ILE A 215 1.74 -9.04 24.77
CA ILE A 215 1.38 -7.62 24.65
C ILE A 215 2.67 -6.83 24.55
N GLN A 216 2.96 -6.35 23.34
CA GLN A 216 4.14 -5.55 23.09
C GLN A 216 3.89 -4.11 23.46
N TYR A 217 4.93 -3.43 23.91
CA TYR A 217 4.79 -2.03 24.14
C TYR A 217 5.26 -1.35 22.89
N GLY A 218 4.37 -0.53 22.33
CA GLY A 218 4.66 0.12 21.06
C GLY A 218 4.78 1.62 21.08
N GLY A 219 5.20 2.16 22.24
CA GLY A 219 5.41 3.58 22.33
C GLY A 219 6.82 3.82 21.82
N SER A 220 7.44 4.91 22.22
CA SER A 220 8.79 5.18 21.77
C SER A 220 9.78 4.32 22.54
N VAL A 221 10.43 3.40 21.84
CA VAL A 221 11.39 2.52 22.46
C VAL A 221 12.77 2.80 21.88
N ASN A 222 13.74 2.95 22.78
CA ASN A 222 15.12 3.20 22.37
C ASN A 222 16.11 2.55 23.34
N PRO A 223 17.41 2.60 23.01
CA PRO A 223 18.41 2.00 23.89
C PRO A 223 18.40 2.51 25.33
N ALA A 224 18.09 3.79 25.51
CA ALA A 224 18.07 4.38 26.84
C ALA A 224 16.89 3.99 27.73
N ASN A 225 15.73 3.67 27.15
CA ASN A 225 14.57 3.32 27.97
C ASN A 225 14.04 1.90 27.90
N CYS A 226 14.61 1.06 27.03
CA CYS A 226 14.10 -0.29 26.88
C CYS A 226 14.19 -1.21 28.09
N ASN A 227 15.30 -1.17 28.83
CA ASN A 227 15.42 -2.07 29.98
C ASN A 227 14.38 -1.83 31.06
N GLU A 228 14.14 -0.57 31.43
CA GLU A 228 13.15 -0.29 32.47
C GLU A 228 11.74 -0.70 32.04
N LEU A 229 11.49 -0.72 30.73
CA LEU A 229 10.19 -1.14 30.24
C LEU A 229 10.12 -2.67 30.24
N ALA A 230 11.22 -3.31 29.82
CA ALA A 230 11.29 -4.76 29.76
C ALA A 230 11.11 -5.44 31.12
N LYS A 231 11.40 -4.71 32.19
CA LYS A 231 11.26 -5.24 33.54
C LYS A 231 9.80 -5.43 33.96
N LYS A 232 8.90 -4.73 33.29
CA LYS A 232 7.48 -4.82 33.63
C LYS A 232 6.83 -6.14 33.33
N ALA A 233 6.06 -6.63 34.29
CA ALA A 233 5.39 -7.93 34.20
C ALA A 233 4.55 -8.18 32.95
N ASP A 234 3.81 -7.17 32.50
CA ASP A 234 2.96 -7.37 31.33
C ASP A 234 3.46 -6.82 30.01
N ILE A 235 4.73 -6.45 29.97
CA ILE A 235 5.33 -5.96 28.73
C ILE A 235 6.09 -7.17 28.20
N ASP A 236 5.47 -7.84 27.23
CA ASP A 236 6.02 -9.05 26.64
C ASP A 236 6.87 -8.84 25.39
N GLY A 237 7.23 -7.60 25.12
CA GLY A 237 8.03 -7.32 23.95
C GLY A 237 7.86 -5.88 23.54
N PHE A 238 8.33 -5.57 22.33
CA PHE A 238 8.27 -4.20 21.82
C PHE A 238 7.97 -4.16 20.33
N LEU A 239 7.29 -3.10 19.91
CA LEU A 239 7.14 -2.84 18.54
C LEU A 239 7.85 -1.55 18.40
N VAL A 240 9.06 -1.66 17.87
CA VAL A 240 9.99 -0.54 17.76
C VAL A 240 9.84 0.29 16.48
N GLY A 241 9.83 1.60 16.65
CA GLY A 241 9.70 2.51 15.52
C GLY A 241 11.03 2.93 14.93
N GLY A 242 11.36 4.21 15.10
CA GLY A 242 12.59 4.74 14.55
C GLY A 242 13.86 3.96 14.81
N ALA A 243 14.02 3.49 16.04
CA ALA A 243 15.22 2.75 16.41
C ALA A 243 15.42 1.45 15.64
N SER A 244 14.36 0.91 15.05
CA SER A 244 14.48 -0.35 14.32
C SER A 244 15.25 -0.19 13.00
N LEU A 245 15.47 1.05 12.58
CA LEU A 245 16.20 1.29 11.34
C LEU A 245 17.71 1.25 11.55
N ASP A 246 18.11 1.01 12.80
CA ASP A 246 19.52 0.92 13.16
C ASP A 246 19.74 -0.45 13.82
N ALA A 247 20.52 -1.30 13.15
CA ALA A 247 20.78 -2.64 13.65
C ALA A 247 21.35 -2.65 15.08
N ALA A 248 22.26 -1.72 15.37
CA ALA A 248 22.86 -1.67 16.70
C ALA A 248 21.83 -1.31 17.76
N LYS A 249 21.01 -0.30 17.49
CA LYS A 249 19.98 0.09 18.44
C LYS A 249 18.95 -1.03 18.59
N PHE A 250 18.59 -1.65 17.48
CA PHE A 250 17.61 -2.73 17.49
C PHE A 250 18.09 -3.92 18.32
N LYS A 251 19.34 -4.33 18.11
CA LYS A 251 19.80 -5.48 18.87
C LYS A 251 19.94 -5.13 20.35
N THR A 252 20.21 -3.86 20.66
CA THR A 252 20.28 -3.42 22.04
C THR A 252 18.92 -3.69 22.68
N ILE A 253 17.87 -3.31 21.96
CA ILE A 253 16.50 -3.50 22.44
C ILE A 253 16.15 -4.98 22.53
N ILE A 254 16.57 -5.76 21.54
CA ILE A 254 16.30 -7.19 21.56
C ILE A 254 16.93 -7.79 22.82
N ASN A 255 18.16 -7.37 23.12
CA ASN A 255 18.84 -7.90 24.29
C ASN A 255 18.30 -7.44 25.63
N SER A 256 17.32 -6.55 25.62
CA SER A 256 16.74 -6.11 26.89
C SER A 256 15.89 -7.26 27.44
N VAL A 257 15.83 -8.36 26.69
CA VAL A 257 15.10 -9.54 27.13
C VAL A 257 15.83 -10.06 28.38
N SER A 258 17.01 -9.50 28.63
CA SER A 258 17.81 -9.88 29.79
C SER A 258 17.03 -9.57 31.07
N GLU A 259 15.99 -8.75 30.95
CA GLU A 259 15.18 -8.40 32.12
C GLU A 259 14.15 -9.50 32.40
N LYS A 260 14.02 -10.45 31.49
CA LYS A 260 13.05 -11.55 31.63
C LYS A 260 13.67 -12.87 32.07
N LEU A 261 14.33 -13.54 31.13
CA LEU A 261 14.96 -14.83 31.38
C LEU A 261 14.03 -15.85 32.02
N GLY B 2 -5.63 12.99 -30.09
CA GLY B 2 -4.34 13.58 -29.75
C GLY B 2 -3.24 13.12 -30.72
N ALA B 3 -2.08 13.81 -30.64
CA ALA B 3 -0.98 13.46 -31.52
C ALA B 3 -0.01 12.48 -30.84
N GLY B 4 -0.25 12.21 -29.56
CA GLY B 4 0.61 11.30 -28.83
C GLY B 4 0.52 9.85 -29.24
N LYS B 5 1.55 9.08 -28.91
CA LYS B 5 1.59 7.66 -29.20
C LYS B 5 0.53 6.95 -28.38
N PHE B 6 -0.24 6.07 -29.03
CA PHE B 6 -1.30 5.32 -28.36
C PHE B 6 -0.71 4.59 -27.17
N VAL B 7 -1.38 4.67 -26.02
CA VAL B 7 -0.86 4.03 -24.83
C VAL B 7 -1.94 3.24 -24.08
N VAL B 8 -1.65 1.97 -23.85
CA VAL B 8 -2.57 1.10 -23.16
C VAL B 8 -2.00 0.59 -21.85
N GLY B 9 -2.68 0.91 -20.76
CA GLY B 9 -2.24 0.48 -19.46
C GLY B 9 -3.21 -0.57 -18.94
N GLY B 10 -2.66 -1.57 -18.27
CA GLY B 10 -3.47 -2.63 -17.69
C GLY B 10 -3.39 -2.53 -16.19
N ASN B 11 -4.44 -1.98 -15.57
CA ASN B 11 -4.49 -1.84 -14.12
C ASN B 11 -5.01 -3.14 -13.51
N TRP B 12 -4.11 -3.95 -12.97
CA TRP B 12 -4.49 -5.22 -12.37
C TRP B 12 -5.22 -5.03 -11.05
N LYS B 13 -5.20 -3.81 -10.54
CA LYS B 13 -5.85 -3.49 -9.27
C LYS B 13 -5.33 -4.42 -8.18
N CYS B 14 -6.20 -4.81 -7.24
CA CYS B 14 -5.76 -5.68 -6.15
C CYS B 14 -6.02 -7.14 -6.51
N ASN B 15 -5.34 -7.62 -7.55
CA ASN B 15 -5.51 -8.98 -8.02
C ASN B 15 -4.20 -9.62 -8.41
N GLY B 16 -4.11 -10.93 -8.21
CA GLY B 16 -2.91 -11.65 -8.59
C GLY B 16 -2.24 -12.50 -7.55
N THR B 17 -1.55 -13.53 -8.05
CA THR B 17 -0.74 -14.40 -7.26
C THR B 17 0.51 -14.59 -8.04
N LEU B 18 1.56 -15.13 -7.43
CA LEU B 18 2.83 -15.31 -8.15
C LEU B 18 2.60 -16.14 -9.40
N ALA B 19 1.78 -17.19 -9.28
CA ALA B 19 1.50 -18.08 -10.40
C ALA B 19 0.70 -17.41 -11.52
N SER B 20 -0.39 -16.73 -11.16
CA SER B 20 -1.21 -16.07 -12.17
C SER B 20 -0.46 -14.92 -12.83
N ILE B 21 0.34 -14.20 -12.05
CA ILE B 21 1.10 -13.08 -12.56
C ILE B 21 2.20 -13.53 -13.52
N GLU B 22 2.77 -14.71 -13.28
CA GLU B 22 3.82 -15.19 -14.17
C GLU B 22 3.19 -15.50 -15.54
N THR B 23 2.03 -16.15 -15.51
CA THR B 23 1.33 -16.50 -16.73
C THR B 23 0.88 -15.23 -17.47
N LEU B 24 0.31 -14.29 -16.72
CA LEU B 24 -0.16 -13.04 -17.30
C LEU B 24 0.97 -12.21 -17.89
N THR B 25 2.02 -12.00 -17.10
CA THR B 25 3.16 -11.20 -17.56
C THR B 25 3.80 -11.79 -18.81
N LYS B 26 3.96 -13.11 -18.84
CA LYS B 26 4.55 -13.75 -20.01
C LYS B 26 3.62 -13.56 -21.23
N GLY B 27 2.33 -13.67 -20.99
CA GLY B 27 1.36 -13.50 -22.07
C GLY B 27 1.36 -12.08 -22.61
N VAL B 28 1.44 -11.10 -21.71
CA VAL B 28 1.44 -9.71 -22.12
C VAL B 28 2.69 -9.39 -22.93
N ALA B 29 3.85 -9.83 -22.45
CA ALA B 29 5.09 -9.58 -23.16
C ALA B 29 5.07 -10.25 -24.53
N ALA B 30 4.58 -11.49 -24.58
CA ALA B 30 4.51 -12.22 -25.82
C ALA B 30 3.66 -11.50 -26.87
N SER B 31 2.66 -10.76 -26.40
CA SER B 31 1.74 -10.06 -27.31
C SER B 31 2.28 -8.75 -27.87
N VAL B 32 3.41 -8.26 -27.36
CA VAL B 32 3.95 -7.01 -27.85
C VAL B 32 5.38 -7.16 -28.37
N ASP B 33 5.52 -7.50 -29.64
CA ASP B 33 6.86 -7.64 -30.20
C ASP B 33 7.38 -6.28 -30.63
N ALA B 34 8.61 -6.27 -31.14
CA ALA B 34 9.26 -5.03 -31.56
C ALA B 34 8.45 -4.18 -32.53
N GLU B 35 7.81 -4.83 -33.50
CA GLU B 35 7.04 -4.13 -34.51
C GLU B 35 5.82 -3.43 -33.91
N LEU B 36 5.08 -4.12 -33.04
CA LEU B 36 3.90 -3.54 -32.41
C LEU B 36 4.29 -2.46 -31.40
N ALA B 37 5.42 -2.65 -30.73
CA ALA B 37 5.89 -1.70 -29.73
C ALA B 37 6.12 -0.32 -30.34
N LYS B 38 6.44 -0.27 -31.63
CA LYS B 38 6.68 1.00 -32.30
C LYS B 38 5.42 1.85 -32.40
N LYS B 39 4.26 1.19 -32.30
CA LYS B 39 3.00 1.91 -32.43
C LYS B 39 2.14 1.99 -31.18
N VAL B 40 2.54 1.32 -30.11
CA VAL B 40 1.76 1.37 -28.89
C VAL B 40 2.59 1.17 -27.63
N GLU B 41 2.41 2.07 -26.67
CA GLU B 41 3.11 1.99 -25.40
C GLU B 41 2.23 1.12 -24.50
N VAL B 42 2.83 0.12 -23.88
CA VAL B 42 2.08 -0.80 -23.02
C VAL B 42 2.64 -0.76 -21.60
N ILE B 43 1.73 -0.55 -20.65
CA ILE B 43 2.06 -0.43 -19.23
C ILE B 43 1.19 -1.36 -18.40
N VAL B 44 1.76 -1.99 -17.38
CA VAL B 44 0.97 -2.85 -16.50
C VAL B 44 1.07 -2.33 -15.07
N GLY B 45 -0.10 -2.14 -14.44
CA GLY B 45 -0.18 -1.66 -13.07
C GLY B 45 -0.15 -2.87 -12.17
N VAL B 46 0.89 -2.95 -11.35
CA VAL B 46 1.13 -4.10 -10.49
C VAL B 46 1.08 -3.83 -8.99
N PRO B 47 0.49 -4.75 -8.20
CA PRO B 47 0.45 -4.54 -6.75
C PRO B 47 1.89 -4.44 -6.24
N PHE B 48 2.15 -3.56 -5.28
CA PHE B 48 3.51 -3.35 -4.78
C PHE B 48 4.37 -4.60 -4.57
N ILE B 49 3.84 -5.55 -3.81
CA ILE B 49 4.59 -6.76 -3.47
C ILE B 49 5.00 -7.63 -4.66
N TYR B 50 4.30 -7.48 -5.78
CA TYR B 50 4.61 -8.28 -6.96
C TYR B 50 5.45 -7.55 -8.02
N ILE B 51 5.81 -6.29 -7.75
CA ILE B 51 6.60 -5.56 -8.71
C ILE B 51 7.94 -6.25 -9.00
N PRO B 52 8.64 -6.71 -7.96
CA PRO B 52 9.92 -7.39 -8.22
C PRO B 52 9.75 -8.63 -9.09
N LYS B 53 8.70 -9.40 -8.82
CA LYS B 53 8.41 -10.61 -9.58
C LYS B 53 8.16 -10.28 -11.05
N VAL B 54 7.35 -9.26 -11.30
CA VAL B 54 7.04 -8.87 -12.67
C VAL B 54 8.31 -8.38 -13.38
N GLN B 55 9.15 -7.65 -12.66
CA GLN B 55 10.40 -7.15 -13.23
C GLN B 55 11.28 -8.34 -13.60
N GLN B 56 11.31 -9.34 -12.74
CA GLN B 56 12.12 -10.54 -12.98
C GLN B 56 11.63 -11.28 -14.21
N ILE B 57 10.32 -11.46 -14.31
CA ILE B 57 9.72 -12.15 -15.44
C ILE B 57 10.00 -11.43 -16.76
N LEU B 58 9.77 -10.11 -16.78
CA LEU B 58 10.01 -9.33 -17.99
C LEU B 58 11.48 -9.38 -18.42
N ALA B 59 12.37 -9.46 -17.44
CA ALA B 59 13.80 -9.50 -17.71
C ALA B 59 14.15 -10.76 -18.51
N GLY B 60 13.40 -11.83 -18.30
CA GLY B 60 13.66 -13.07 -19.02
C GLY B 60 12.86 -13.24 -20.29
N GLU B 61 12.04 -12.25 -20.62
CA GLU B 61 11.22 -12.32 -21.84
C GLU B 61 11.85 -11.59 -23.02
N ALA B 62 11.72 -12.18 -24.20
CA ALA B 62 12.27 -11.59 -25.41
C ALA B 62 11.70 -10.19 -25.63
N ASN B 63 10.42 -10.02 -25.35
CA ASN B 63 9.77 -8.73 -25.53
C ASN B 63 9.60 -7.95 -24.24
N GLY B 64 10.26 -8.41 -23.17
CA GLY B 64 10.14 -7.76 -21.87
C GLY B 64 10.32 -6.25 -21.83
N ALA B 65 11.27 -5.74 -22.62
CA ALA B 65 11.55 -4.31 -22.65
C ALA B 65 10.39 -3.48 -23.19
N ASN B 66 9.46 -4.13 -23.88
CA ASN B 66 8.31 -3.44 -24.46
C ASN B 66 7.15 -3.26 -23.49
N ILE B 67 7.28 -3.83 -22.29
CA ILE B 67 6.24 -3.71 -21.28
C ILE B 67 6.81 -2.91 -20.11
N LEU B 68 6.16 -1.78 -19.79
CA LEU B 68 6.61 -0.95 -18.69
C LEU B 68 5.84 -1.24 -17.42
N VAL B 69 6.53 -1.23 -16.30
CA VAL B 69 5.90 -1.50 -15.01
C VAL B 69 5.45 -0.22 -14.33
N SER B 70 4.23 -0.24 -13.81
CA SER B 70 3.70 0.91 -13.09
C SER B 70 3.16 0.48 -11.75
N ALA B 71 3.38 1.30 -10.73
CA ALA B 71 2.80 1.02 -9.46
C ALA B 71 1.39 1.52 -9.51
N GLU B 72 0.54 1.11 -8.59
CA GLU B 72 -0.86 1.52 -8.60
C GLU B 72 -1.16 2.70 -7.68
N ASN B 73 -0.14 3.17 -6.98
CA ASN B 73 -0.28 4.29 -6.06
C ASN B 73 1.09 4.59 -5.48
N ALA B 74 1.19 5.70 -4.75
CA ALA B 74 2.45 6.07 -4.11
C ALA B 74 2.17 7.10 -3.03
N TRP B 75 3.04 7.15 -2.04
CA TRP B 75 2.91 8.10 -0.93
C TRP B 75 4.02 9.14 -1.10
N THR B 76 3.85 10.30 -0.48
CA THR B 76 4.85 11.37 -0.64
C THR B 76 5.63 11.81 0.58
N LYS B 77 5.36 11.21 1.74
CA LYS B 77 6.08 11.58 2.95
C LYS B 77 6.82 10.37 3.52
N SER B 78 8.11 10.54 3.78
CA SER B 78 8.92 9.46 4.34
C SER B 78 8.79 9.54 5.85
N GLY B 79 9.03 8.43 6.52
CA GLY B 79 8.96 8.43 7.97
C GLY B 79 7.82 7.65 8.60
N ALA B 80 7.13 8.32 9.52
CA ALA B 80 6.04 7.72 10.28
C ALA B 80 4.74 7.54 9.51
N TYR B 81 4.77 6.68 8.50
CA TYR B 81 3.59 6.40 7.72
C TYR B 81 3.52 4.91 7.41
N THR B 82 3.28 4.17 8.49
CA THR B 82 3.19 2.73 8.43
C THR B 82 2.25 2.24 7.34
N GLY B 83 2.74 1.31 6.52
CA GLY B 83 1.95 0.75 5.45
C GLY B 83 2.10 1.38 4.07
N GLU B 84 2.69 2.57 4.00
CA GLU B 84 2.84 3.27 2.74
C GLU B 84 4.14 3.02 1.98
N VAL B 85 4.06 3.09 0.66
CA VAL B 85 5.23 2.92 -0.20
C VAL B 85 5.46 4.28 -0.84
N HIS B 86 6.62 4.86 -0.57
CA HIS B 86 7.00 6.18 -1.04
C HIS B 86 7.39 6.23 -2.51
N VAL B 87 7.19 7.39 -3.12
CA VAL B 87 7.56 7.64 -4.50
C VAL B 87 9.03 7.27 -4.72
N GLY B 88 9.87 7.64 -3.76
CA GLY B 88 11.29 7.35 -3.84
C GLY B 88 11.62 5.87 -3.88
N MET B 89 10.78 5.06 -3.27
CA MET B 89 11.01 3.62 -3.27
C MET B 89 10.75 3.08 -4.67
N LEU B 90 9.76 3.64 -5.34
CA LEU B 90 9.46 3.19 -6.71
C LEU B 90 10.65 3.51 -7.61
N VAL B 91 11.17 4.72 -7.48
CA VAL B 91 12.32 5.14 -8.28
C VAL B 91 13.54 4.28 -7.93
N ASP B 92 13.74 4.03 -6.64
CA ASP B 92 14.85 3.19 -6.17
C ASP B 92 14.75 1.81 -6.80
N CYS B 93 13.53 1.31 -6.97
CA CYS B 93 13.30 -0.01 -7.54
C CYS B 93 13.18 0.00 -9.06
N GLN B 94 13.55 1.13 -9.67
CA GLN B 94 13.51 1.29 -11.13
C GLN B 94 12.15 1.12 -11.78
N VAL B 95 11.10 1.54 -11.07
CA VAL B 95 9.74 1.49 -11.58
C VAL B 95 9.56 2.83 -12.28
N PRO B 96 9.27 2.81 -13.60
CA PRO B 96 9.10 4.07 -14.33
C PRO B 96 7.78 4.82 -14.19
N TYR B 97 6.72 4.08 -13.90
CA TYR B 97 5.38 4.67 -13.81
C TYR B 97 4.64 4.47 -12.50
N VAL B 98 3.64 5.31 -12.31
CA VAL B 98 2.76 5.23 -11.15
C VAL B 98 1.37 5.75 -11.54
N ILE B 99 0.33 5.04 -11.12
CA ILE B 99 -1.04 5.44 -11.38
C ILE B 99 -1.44 6.22 -10.13
N LEU B 100 -1.96 7.44 -10.32
CA LEU B 100 -2.36 8.26 -9.19
C LEU B 100 -3.75 8.83 -9.31
N GLY B 101 -4.45 8.93 -8.18
CA GLY B 101 -5.79 9.49 -8.20
C GLY B 101 -6.87 8.60 -8.77
N HIS B 102 -6.63 7.30 -8.83
CA HIS B 102 -7.64 6.39 -9.35
C HIS B 102 -8.92 6.58 -8.53
N SER B 103 -10.07 6.47 -9.19
CA SER B 103 -11.35 6.67 -8.52
C SER B 103 -11.52 5.82 -7.27
N GLU B 104 -10.95 4.63 -7.26
CA GLU B 104 -11.05 3.76 -6.09
C GLU B 104 -10.33 4.37 -4.89
N ARG B 105 -9.24 5.08 -5.14
CA ARG B 105 -8.51 5.70 -4.05
C ARG B 105 -9.15 7.03 -3.65
N ARG B 106 -9.69 7.75 -4.63
CA ARG B 106 -10.36 9.01 -4.33
C ARG B 106 -11.61 8.75 -3.49
N GLN B 107 -12.31 7.67 -3.81
CA GLN B 107 -13.53 7.35 -3.09
C GLN B 107 -13.34 6.53 -1.82
N ILE B 108 -12.74 5.36 -1.94
CA ILE B 108 -12.53 4.47 -0.79
C ILE B 108 -11.52 5.01 0.21
N PHE B 109 -10.44 5.60 -0.27
CA PHE B 109 -9.42 6.11 0.64
C PHE B 109 -9.39 7.63 0.74
N HIS B 110 -10.48 8.25 0.32
CA HIS B 110 -10.68 9.69 0.39
C HIS B 110 -9.55 10.60 -0.07
N GLU B 111 -8.92 10.28 -1.19
CA GLU B 111 -7.85 11.13 -1.71
C GLU B 111 -8.53 12.31 -2.41
N SER B 112 -8.23 13.52 -1.94
CA SER B 112 -8.83 14.73 -2.50
C SER B 112 -8.08 15.20 -3.75
N ASN B 113 -8.66 16.19 -4.43
CA ASN B 113 -8.03 16.75 -5.64
C ASN B 113 -6.64 17.26 -5.31
N GLU B 114 -6.52 17.95 -4.18
CA GLU B 114 -5.25 18.51 -3.74
C GLU B 114 -4.25 17.45 -3.31
N GLN B 115 -4.74 16.39 -2.66
CA GLN B 115 -3.86 15.32 -2.22
C GLN B 115 -3.35 14.55 -3.43
N VAL B 116 -4.20 14.39 -4.43
CA VAL B 116 -3.78 13.68 -5.65
C VAL B 116 -2.75 14.55 -6.36
N ALA B 117 -3.00 15.86 -6.41
CA ALA B 117 -2.08 16.78 -7.05
C ALA B 117 -0.70 16.76 -6.40
N GLU B 118 -0.68 16.65 -5.07
CA GLU B 118 0.58 16.59 -4.33
C GLU B 118 1.34 15.32 -4.73
N LYS B 119 0.60 14.21 -4.85
CA LYS B 119 1.23 12.95 -5.25
C LYS B 119 1.83 13.08 -6.66
N VAL B 120 1.07 13.69 -7.57
CA VAL B 120 1.54 13.87 -8.93
C VAL B 120 2.81 14.72 -8.95
N LYS B 121 2.78 15.83 -8.21
CA LYS B 121 3.91 16.73 -8.11
C LYS B 121 5.18 16.02 -7.62
N VAL B 122 5.06 15.34 -6.48
CA VAL B 122 6.20 14.64 -5.90
C VAL B 122 6.69 13.51 -6.83
N ALA B 123 5.77 12.80 -7.45
CA ALA B 123 6.14 11.72 -8.34
C ALA B 123 6.93 12.23 -9.53
N ILE B 124 6.45 13.29 -10.17
CA ILE B 124 7.14 13.85 -11.33
C ILE B 124 8.49 14.46 -10.97
N ASP B 125 8.56 15.11 -9.82
CA ASP B 125 9.79 15.73 -9.37
C ASP B 125 10.86 14.68 -9.15
N ALA B 126 10.43 13.47 -8.80
CA ALA B 126 11.34 12.35 -8.57
C ALA B 126 11.70 11.61 -9.85
N GLY B 127 11.08 12.00 -10.96
CA GLY B 127 11.39 11.36 -12.23
C GLY B 127 10.39 10.34 -12.74
N LEU B 128 9.35 10.06 -11.97
CA LEU B 128 8.34 9.10 -12.38
C LEU B 128 7.43 9.67 -13.46
N LYS B 129 6.93 8.77 -14.30
CA LYS B 129 5.95 9.16 -15.24
C LYS B 129 4.66 8.79 -14.61
N VAL B 130 3.61 9.55 -14.88
CA VAL B 130 2.35 9.36 -14.18
C VAL B 130 1.10 9.21 -15.03
N ILE B 131 0.22 8.32 -14.60
CA ILE B 131 -1.06 8.21 -15.19
C ILE B 131 -1.96 8.79 -14.17
N ALA B 132 -2.39 10.01 -14.43
CA ALA B 132 -3.23 10.76 -13.49
C ALA B 132 -4.69 10.55 -13.83
N CYS B 133 -5.44 9.99 -12.89
CA CYS B 133 -6.85 9.70 -13.11
C CYS B 133 -7.78 10.82 -12.66
N ILE B 134 -8.76 11.11 -13.50
CA ILE B 134 -9.76 12.14 -13.22
C ILE B 134 -11.12 11.63 -13.68
N GLY B 135 -12.20 12.24 -13.22
CA GLY B 135 -13.53 11.80 -13.62
C GLY B 135 -14.60 12.19 -12.62
N GLU B 136 -15.83 12.37 -13.11
CA GLU B 136 -16.95 12.77 -12.25
C GLU B 136 -17.85 11.60 -11.85
N THR B 137 -18.51 11.76 -10.71
CA THR B 137 -19.40 10.74 -10.18
C THR B 137 -20.79 10.83 -10.81
N GLU B 138 -21.64 9.90 -10.42
CA GLU B 138 -23.02 9.86 -10.92
C GLU B 138 -23.76 11.12 -10.46
N ALA B 139 -23.61 11.46 -9.18
CA ALA B 139 -24.26 12.64 -8.63
C ALA B 139 -23.80 13.91 -9.32
N GLN B 140 -22.50 14.01 -9.60
CA GLN B 140 -21.95 15.18 -10.25
C GLN B 140 -22.45 15.34 -11.68
N ARG B 141 -22.56 14.23 -12.42
CA ARG B 141 -23.05 14.31 -13.79
C ARG B 141 -24.52 14.68 -13.81
N ILE B 142 -25.28 14.10 -12.88
CA ILE B 142 -26.71 14.40 -12.79
C ILE B 142 -26.90 15.88 -12.53
N ALA B 143 -25.97 16.46 -11.77
CA ALA B 143 -26.03 17.88 -11.43
C ALA B 143 -25.43 18.72 -12.56
N ASN B 144 -25.09 18.07 -13.67
CA ASN B 144 -24.50 18.74 -14.83
C ASN B 144 -23.21 19.47 -14.47
N GLN B 145 -22.39 18.83 -13.64
CA GLN B 145 -21.13 19.41 -13.21
C GLN B 145 -19.92 18.67 -13.77
N THR B 146 -20.13 17.91 -14.84
CA THR B 146 -19.03 17.16 -15.46
C THR B 146 -17.82 18.03 -15.77
N GLU B 147 -18.01 19.10 -16.53
CA GLU B 147 -16.90 19.98 -16.89
C GLU B 147 -16.29 20.67 -15.67
N GLU B 148 -17.14 21.18 -14.78
CA GLU B 148 -16.66 21.87 -13.58
C GLU B 148 -15.80 20.95 -12.72
N VAL B 149 -16.27 19.72 -12.52
CA VAL B 149 -15.56 18.74 -11.70
C VAL B 149 -14.22 18.34 -12.30
N VAL B 150 -14.22 18.02 -13.59
CA VAL B 150 -12.99 17.62 -14.26
C VAL B 150 -12.01 18.79 -14.29
N ALA B 151 -12.52 20.00 -14.53
CA ALA B 151 -11.68 21.18 -14.56
C ALA B 151 -11.01 21.37 -13.21
N ALA B 152 -11.77 21.19 -12.13
CA ALA B 152 -11.23 21.36 -10.78
C ALA B 152 -10.11 20.35 -10.51
N GLN B 153 -10.30 19.12 -10.95
CA GLN B 153 -9.32 18.07 -10.76
C GLN B 153 -8.05 18.41 -11.52
N LEU B 154 -8.21 18.88 -12.75
CA LEU B 154 -7.09 19.26 -13.59
C LEU B 154 -6.38 20.50 -13.04
N LYS B 155 -7.15 21.46 -12.56
CA LYS B 155 -6.57 22.68 -12.03
C LYS B 155 -5.71 22.38 -10.80
N ALA B 156 -6.20 21.49 -9.94
CA ALA B 156 -5.44 21.12 -8.75
C ALA B 156 -4.07 20.58 -9.15
N ILE B 157 -4.06 19.72 -10.16
CA ILE B 157 -2.82 19.14 -10.64
C ILE B 157 -1.92 20.19 -11.30
N ASN B 158 -2.50 21.00 -12.18
CA ASN B 158 -1.73 22.03 -12.87
C ASN B 158 -1.13 23.07 -11.94
N ASN B 159 -1.86 23.45 -10.90
CA ASN B 159 -1.39 24.45 -9.95
C ASN B 159 -0.14 23.97 -9.22
N ALA B 160 -0.01 22.66 -9.09
CA ALA B 160 1.11 22.06 -8.37
C ALA B 160 2.37 21.79 -9.18
N ILE B 161 2.25 21.68 -10.50
CA ILE B 161 3.41 21.39 -11.33
C ILE B 161 3.71 22.43 -12.39
N SER B 162 4.89 22.31 -13.00
CA SER B 162 5.33 23.22 -14.05
C SER B 162 4.81 22.75 -15.40
N LYS B 163 4.93 23.62 -16.40
CA LYS B 163 4.50 23.31 -17.75
C LYS B 163 5.28 22.10 -18.27
N GLU B 164 6.57 22.08 -17.98
CA GLU B 164 7.45 21.00 -18.40
C GLU B 164 7.08 19.66 -17.76
N ALA B 165 6.59 19.71 -16.53
CA ALA B 165 6.20 18.50 -15.81
C ALA B 165 5.13 17.71 -16.55
N TRP B 166 4.30 18.39 -17.32
CA TRP B 166 3.24 17.71 -18.06
C TRP B 166 3.75 16.69 -19.08
N LYS B 167 5.01 16.84 -19.44
CA LYS B 167 5.65 15.98 -20.43
C LYS B 167 5.62 14.52 -19.99
N ASN B 168 5.59 14.33 -18.65
CA ASN B 168 5.49 12.98 -18.12
C ASN B 168 4.04 12.63 -17.78
N ILE B 169 3.13 13.19 -18.05
CA ILE B 169 1.77 12.88 -17.61
C ILE B 169 0.87 12.32 -18.70
N ILE B 170 0.16 11.26 -18.34
CA ILE B 170 -0.84 10.66 -19.13
C ILE B 170 -2.10 10.84 -18.36
N LEU B 171 -3.16 11.38 -18.95
CA LEU B 171 -4.39 11.56 -18.22
C LEU B 171 -5.29 10.37 -18.51
N ALA B 172 -6.06 9.94 -17.52
CA ALA B 172 -6.97 8.83 -17.71
C ALA B 172 -8.35 9.26 -17.22
N TYR B 173 -9.31 9.32 -18.13
CA TYR B 173 -10.64 9.73 -17.76
C TYR B 173 -11.48 8.54 -17.33
N GLU B 174 -11.95 8.57 -16.09
CA GLU B 174 -12.80 7.52 -15.56
C GLU B 174 -14.22 8.02 -15.43
N PRO B 175 -15.15 7.46 -16.22
CA PRO B 175 -16.53 7.94 -16.09
C PRO B 175 -17.07 7.21 -14.86
N VAL B 176 -16.76 7.74 -13.68
CA VAL B 176 -17.18 7.14 -12.43
C VAL B 176 -18.69 6.95 -12.39
N TRP B 177 -19.40 7.83 -13.08
CA TRP B 177 -20.86 7.78 -13.16
C TRP B 177 -21.32 6.52 -13.89
N ALA B 178 -20.39 5.85 -14.58
CA ALA B 178 -20.69 4.64 -15.31
C ALA B 178 -20.19 3.41 -14.56
N ILE B 179 -19.78 3.46 -13.68
CA ILE B 179 -19.32 2.44 -12.75
C ILE B 179 -20.42 2.05 -11.77
N GLY B 180 -20.94 0.79 -11.79
CA GLY B 180 -21.97 0.21 -10.96
C GLY B 180 -23.25 1.01 -10.82
N THR B 181 -23.45 1.98 -11.71
CA THR B 181 -24.62 2.83 -11.67
C THR B 181 -25.77 2.34 -12.56
N GLY B 182 -25.42 1.56 -13.58
CA GLY B 182 -26.44 1.08 -14.49
C GLY B 182 -26.50 2.00 -15.69
N LYS B 183 -25.51 2.88 -15.79
CA LYS B 183 -25.39 3.82 -16.89
C LYS B 183 -24.04 3.61 -17.55
N THR B 184 -24.04 3.22 -18.82
CA THR B 184 -22.80 2.97 -19.54
C THR B 184 -22.44 4.14 -20.43
N ALA B 185 -21.16 4.46 -20.47
CA ALA B 185 -20.69 5.57 -21.29
C ALA B 185 -20.58 5.13 -22.74
N THR B 186 -21.15 5.92 -23.64
CA THR B 186 -21.09 5.61 -25.05
C THR B 186 -19.83 6.27 -25.62
N PRO B 187 -19.33 5.79 -26.75
CA PRO B 187 -18.14 6.40 -27.33
C PRO B 187 -18.31 7.90 -27.50
N ASP B 188 -19.51 8.31 -27.88
CA ASP B 188 -19.82 9.72 -28.07
C ASP B 188 -19.67 10.48 -26.76
N GLN B 189 -20.19 9.89 -25.68
CA GLN B 189 -20.12 10.50 -24.35
C GLN B 189 -18.68 10.56 -23.87
N ALA B 190 -17.93 9.49 -24.11
CA ALA B 190 -16.53 9.45 -23.70
C ALA B 190 -15.77 10.54 -24.46
N GLN B 191 -15.96 10.56 -25.78
CA GLN B 191 -15.30 11.56 -26.62
C GLN B 191 -15.65 12.99 -26.22
N GLU B 192 -16.89 13.21 -25.78
CA GLU B 192 -17.31 14.54 -25.37
C GLU B 192 -16.49 15.04 -24.17
N VAL B 193 -16.19 14.14 -23.24
CA VAL B 193 -15.42 14.54 -22.07
C VAL B 193 -13.94 14.66 -22.45
N HIS B 194 -13.45 13.73 -23.27
CA HIS B 194 -12.06 13.80 -23.68
C HIS B 194 -11.79 15.09 -24.44
N GLN B 195 -12.75 15.51 -25.26
CA GLN B 195 -12.61 16.75 -26.02
C GLN B 195 -12.51 17.93 -25.06
N TYR B 196 -13.29 17.86 -23.99
CA TYR B 196 -13.26 18.99 -23.08
C TYR B 196 -11.96 18.98 -22.28
N ILE B 197 -11.43 17.82 -21.94
CA ILE B 197 -10.16 17.75 -21.26
C ILE B 197 -9.08 18.36 -22.14
N ARG B 198 -9.14 18.06 -23.43
CA ARG B 198 -8.19 18.59 -24.40
C ARG B 198 -8.31 20.11 -24.41
N LYS B 199 -9.55 20.60 -24.42
CA LYS B 199 -9.82 22.03 -24.43
C LYS B 199 -9.29 22.69 -23.16
N TRP B 200 -9.53 22.05 -22.01
CA TRP B 200 -9.05 22.60 -20.75
C TRP B 200 -7.53 22.80 -20.78
N MET B 201 -6.80 21.80 -21.26
CA MET B 201 -5.35 21.91 -21.34
C MET B 201 -4.93 23.01 -22.30
N THR B 202 -5.67 23.14 -23.40
CA THR B 202 -5.36 24.14 -24.41
C THR B 202 -5.56 25.56 -23.87
N GLU B 203 -6.64 25.74 -23.10
CA GLU B 203 -6.95 27.04 -22.53
C GLU B 203 -6.03 27.43 -21.37
N ASN B 204 -5.71 26.47 -20.52
CA ASN B 204 -4.89 26.74 -19.36
C ASN B 204 -3.39 26.53 -19.46
N ILE B 205 -2.96 25.68 -20.39
CA ILE B 205 -1.54 25.43 -20.55
C ILE B 205 -1.13 25.93 -21.92
N SER B 206 -1.29 25.09 -22.94
CA SER B 206 -0.96 25.48 -24.31
C SER B 206 -1.52 24.43 -25.26
N LYS B 207 -1.73 24.81 -26.51
CA LYS B 207 -2.25 23.87 -27.49
C LYS B 207 -1.26 22.72 -27.66
N GLU B 208 0.03 23.05 -27.65
CA GLU B 208 1.08 22.04 -27.79
C GLU B 208 1.02 20.98 -26.70
N VAL B 209 0.94 21.40 -25.45
CA VAL B 209 0.88 20.47 -24.34
C VAL B 209 -0.41 19.65 -24.42
N ALA B 210 -1.50 20.30 -24.78
CA ALA B 210 -2.79 19.61 -24.89
C ALA B 210 -2.73 18.47 -25.90
N GLU B 211 -2.17 18.74 -27.07
CA GLU B 211 -2.07 17.72 -28.12
C GLU B 211 -1.05 16.64 -27.82
N ALA B 212 0.01 16.99 -27.11
CA ALA B 212 1.05 16.03 -26.76
C ALA B 212 0.64 15.08 -25.65
N THR B 213 -0.25 15.54 -24.78
CA THR B 213 -0.71 14.74 -23.64
C THR B 213 -1.72 13.68 -24.04
N ARG B 214 -1.39 12.42 -23.78
CA ARG B 214 -2.30 11.33 -24.10
C ARG B 214 -3.44 11.31 -23.08
N ILE B 215 -4.66 11.16 -23.56
CA ILE B 215 -5.82 11.07 -22.68
C ILE B 215 -6.39 9.67 -22.86
N GLN B 216 -6.13 8.80 -21.89
CA GLN B 216 -6.63 7.43 -21.94
C GLN B 216 -8.08 7.38 -21.48
N TYR B 217 -8.84 6.47 -22.07
CA TYR B 217 -10.17 6.31 -21.59
C TYR B 217 -10.10 5.24 -20.55
N GLY B 218 -10.57 5.57 -19.35
CA GLY B 218 -10.48 4.66 -18.22
C GLY B 218 -11.79 4.05 -17.76
N GLY B 219 -12.79 4.04 -18.64
CA GLY B 219 -14.05 3.43 -18.31
C GLY B 219 -13.95 1.95 -18.62
N SER B 220 -15.09 1.28 -18.72
CA SER B 220 -15.11 -0.14 -19.03
C SER B 220 -14.60 -0.40 -20.45
N VAL B 221 -13.50 -1.13 -20.55
CA VAL B 221 -12.93 -1.44 -21.85
C VAL B 221 -12.75 -2.96 -21.98
N ASN B 222 -13.26 -3.52 -23.07
CA ASN B 222 -13.18 -4.95 -23.30
C ASN B 222 -12.89 -5.20 -24.78
N PRO B 223 -12.64 -6.45 -25.17
CA PRO B 223 -12.36 -6.74 -26.58
C PRO B 223 -13.47 -6.36 -27.54
N ALA B 224 -14.70 -6.27 -27.05
CA ALA B 224 -15.84 -5.94 -27.89
C ALA B 224 -16.08 -4.46 -28.13
N ASN B 225 -15.58 -3.60 -27.25
CA ASN B 225 -15.79 -2.17 -27.44
C ASN B 225 -14.53 -1.33 -27.66
N CYS B 226 -13.36 -1.95 -27.59
CA CYS B 226 -12.13 -1.19 -27.75
C CYS B 226 -11.94 -0.53 -29.11
N ASN B 227 -12.34 -1.20 -30.19
CA ASN B 227 -12.19 -0.61 -31.52
C ASN B 227 -13.11 0.59 -31.69
N GLU B 228 -14.36 0.45 -31.24
CA GLU B 228 -15.32 1.53 -31.34
C GLU B 228 -14.84 2.75 -30.57
N LEU B 229 -14.22 2.52 -29.41
CA LEU B 229 -13.72 3.61 -28.59
C LEU B 229 -12.45 4.21 -29.21
N ALA B 230 -11.58 3.35 -29.73
CA ALA B 230 -10.33 3.81 -30.33
C ALA B 230 -10.55 4.68 -31.56
N LYS B 231 -11.75 4.62 -32.12
CA LYS B 231 -12.09 5.42 -33.30
C LYS B 231 -12.29 6.89 -32.94
N LYS B 232 -12.48 7.18 -31.66
CA LYS B 232 -12.70 8.56 -31.22
C LYS B 232 -11.42 9.38 -31.22
N ALA B 233 -11.50 10.57 -31.83
CA ALA B 233 -10.35 11.46 -31.97
C ALA B 233 -9.56 11.79 -30.72
N ASP B 234 -10.24 11.97 -29.60
CA ASP B 234 -9.53 12.32 -28.39
C ASP B 234 -9.25 11.22 -27.38
N ILE B 235 -9.48 9.98 -27.80
CA ILE B 235 -9.18 8.83 -26.95
C ILE B 235 -7.82 8.33 -27.46
N ASP B 236 -6.78 8.59 -26.69
CA ASP B 236 -5.41 8.22 -27.06
C ASP B 236 -4.89 6.95 -26.42
N GLY B 237 -5.80 6.15 -25.89
CA GLY B 237 -5.37 4.92 -25.25
C GLY B 237 -6.40 4.47 -24.25
N PHE B 238 -6.03 3.50 -23.42
CA PHE B 238 -6.96 2.96 -22.44
C PHE B 238 -6.26 2.60 -21.14
N LEU B 239 -6.99 2.73 -20.03
CA LEU B 239 -6.53 2.23 -18.80
C LEU B 239 -7.52 1.19 -18.49
N VAL B 240 -7.12 -0.04 -18.82
CA VAL B 240 -7.97 -1.20 -18.73
C VAL B 240 -8.05 -1.82 -17.34
N GLY B 241 -9.26 -2.22 -16.96
CA GLY B 241 -9.46 -2.85 -15.66
C GLY B 241 -9.44 -4.37 -15.78
N GLY B 242 -10.60 -4.98 -15.52
CA GLY B 242 -10.72 -6.43 -15.56
C GLY B 242 -10.11 -7.18 -16.73
N ALA B 243 -10.31 -6.68 -17.94
CA ALA B 243 -9.78 -7.34 -19.12
C ALA B 243 -8.26 -7.43 -19.13
N SER B 244 -7.59 -6.60 -18.34
CA SER B 244 -6.13 -6.63 -18.31
C SER B 244 -5.57 -7.85 -17.58
N LEU B 245 -6.43 -8.59 -16.90
CA LEU B 245 -6.00 -9.78 -16.17
C LEU B 245 -5.95 -11.01 -17.07
N ASP B 246 -6.34 -10.85 -18.32
CA ASP B 246 -6.33 -11.93 -19.31
C ASP B 246 -5.48 -11.41 -20.47
N ALA B 247 -4.31 -12.03 -20.67
CA ALA B 247 -3.41 -11.61 -21.74
C ALA B 247 -4.04 -11.62 -23.12
N ALA B 248 -4.95 -12.56 -23.36
CA ALA B 248 -5.60 -12.64 -24.66
C ALA B 248 -6.55 -11.46 -24.89
N LYS B 249 -7.30 -11.08 -23.86
CA LYS B 249 -8.22 -9.95 -23.98
C LYS B 249 -7.41 -8.66 -24.11
N PHE B 250 -6.40 -8.52 -23.27
CA PHE B 250 -5.54 -7.34 -23.27
C PHE B 250 -4.91 -7.17 -24.65
N LYS B 251 -4.51 -8.28 -25.25
CA LYS B 251 -3.89 -8.27 -26.59
C LYS B 251 -4.81 -7.61 -27.61
N THR B 252 -6.08 -7.99 -27.58
CA THR B 252 -7.04 -7.43 -28.53
C THR B 252 -7.16 -5.92 -28.34
N ILE B 253 -7.16 -5.48 -27.09
CA ILE B 253 -7.28 -4.07 -26.78
C ILE B 253 -6.03 -3.31 -27.24
N ILE B 254 -4.85 -3.88 -27.00
CA ILE B 254 -3.62 -3.22 -27.43
C ILE B 254 -3.66 -3.01 -28.94
N ASN B 255 -4.11 -4.03 -29.67
CA ASN B 255 -4.16 -3.96 -31.12
C ASN B 255 -5.21 -3.03 -31.71
N SER B 256 -6.10 -2.49 -30.87
CA SER B 256 -7.11 -1.58 -31.38
C SER B 256 -6.46 -0.26 -31.80
N VAL B 257 -5.16 -0.14 -31.61
CA VAL B 257 -4.41 1.05 -32.02
C VAL B 257 -4.58 1.18 -33.55
N SER B 258 -4.89 0.07 -34.20
CA SER B 258 -5.08 0.06 -35.65
C SER B 258 -6.11 1.09 -36.13
N GLU B 259 -7.07 1.42 -35.27
CA GLU B 259 -8.10 2.38 -35.63
C GLU B 259 -7.51 3.77 -35.89
N LYS B 260 -6.31 4.00 -35.38
CA LYS B 260 -5.60 5.28 -35.50
C LYS B 260 -4.67 5.38 -36.70
N LEU B 261 -4.34 4.24 -37.29
CA LEU B 261 -3.39 4.21 -38.40
C LEU B 261 -3.98 4.39 -39.79
#